data_7OLO
#
_entry.id   7OLO
#
_cell.length_a   73.980
_cell.length_b   121.240
_cell.length_c   67.320
_cell.angle_alpha   90.000
_cell.angle_beta   90.000
_cell.angle_gamma   90.000
#
_symmetry.space_group_name_H-M   'C 2 2 21'
#
loop_
_entity.id
_entity.type
_entity.pdbx_description
1 polymer 'Iron/alpha-ketoglutarate-dependent dioxygenase asqJ'
2 non-polymer 'NICKEL (II) ION'
3 non-polymer (3~{Z})-4-methyl-3-(phenylmethylidene)-1~{H}-1,4-benzodiazepine-2,5-dione
4 non-polymer 'BROMIDE ION'
5 non-polymer 'CHLORIDE ION'
6 non-polymer GLYCEROL
7 water water
#
_entity_poly.entity_id   1
_entity_poly.type   'polypeptide(L)'
_entity_poly.pdbx_seq_one_letter_code
;STSKDHVKSQIPRLSAINDLHKIWPTVEEHGAAIIESFLSLDIVRRLNEEVDPFVKIEPIPAAKTKDHPNHILSTTTRLV
NVLAPISKAYREDVLNSKVLHRICSDAFHVYGDYWVLMGAVMELAPSNPAQPLHRDMRFSHPIVEYLKPDAPATSINFLV
ALSPFTAENGATHVILGSHKWQNLSNVSMDATVRALMNPGDALLITDSTIHCGGAETTGTETRRLLTITMGISQLTPLES
NLAVPRPVIESLTPLAQRLLGWASQRSAAPRDIGLLTIRGNSIEKTMNLKAEQPLHDDEAEPLCRETI
;
_entity_poly.pdbx_strand_id   A
#
loop_
_chem_comp.id
_chem_comp.type
_chem_comp.name
_chem_comp.formula
BR non-polymer 'BROMIDE ION' 'Br -1'
CL non-polymer 'CHLORIDE ION' 'Cl -1'
CO0 non-polymer (3~{Z})-4-methyl-3-(phenylmethylidene)-1~{H}-1,4-benzodiazepine-2,5-dione 'C17 H14 N2 O2'
GOL non-polymer GLYCEROL 'C3 H8 O3'
NI non-polymer 'NICKEL (II) ION' 'Ni 2'
#
# COMPACT_ATOMS: atom_id res chain seq x y z
N SER A 9 6.55 -24.39 -4.72
CA SER A 9 5.33 -24.16 -3.90
C SER A 9 4.82 -22.74 -4.10
N GLN A 10 3.50 -22.55 -4.12
CA GLN A 10 2.81 -21.31 -4.52
C GLN A 10 2.64 -20.37 -3.33
N ILE A 11 2.19 -19.13 -3.59
CA ILE A 11 1.85 -18.11 -2.55
C ILE A 11 0.65 -18.62 -1.77
N PRO A 12 0.71 -18.72 -0.41
CA PRO A 12 -0.44 -19.16 0.37
C PRO A 12 -1.66 -18.24 0.18
N ARG A 13 -2.86 -18.83 0.09
CA ARG A 13 -4.15 -18.12 -0.07
C ARG A 13 -4.94 -18.20 1.24
N LEU A 14 -5.45 -17.06 1.70
CA LEU A 14 -6.20 -16.94 2.97
C LEU A 14 -7.48 -16.14 2.74
N SER A 15 -8.58 -16.57 3.35
CA SER A 15 -9.89 -15.86 3.36
C SER A 15 -9.79 -14.64 4.27
N ALA A 16 -10.17 -13.46 3.78
CA ALA A 16 -10.21 -12.17 4.51
C ALA A 16 -10.96 -12.34 5.84
N ILE A 17 -12.02 -13.16 5.84
CA ILE A 17 -13.04 -13.26 6.93
C ILE A 17 -12.70 -14.40 7.89
N ASN A 18 -12.48 -15.61 7.37
CA ASN A 18 -12.38 -16.87 8.18
C ASN A 18 -10.94 -17.10 8.65
N ASP A 19 -9.95 -16.57 7.94
CA ASP A 19 -8.49 -16.84 8.19
C ASP A 19 -7.79 -15.56 8.66
N LEU A 20 -8.53 -14.58 9.19
CA LEU A 20 -8.02 -13.21 9.52
C LEU A 20 -6.77 -13.32 10.41
N HIS A 21 -6.82 -14.16 11.45
CA HIS A 21 -5.75 -14.30 12.48
C HIS A 21 -4.50 -14.98 11.91
N LYS A 22 -4.61 -15.64 10.75
CA LYS A 22 -3.48 -16.39 10.12
C LYS A 22 -2.70 -15.51 9.13
N ILE A 23 -3.26 -14.37 8.70
CA ILE A 23 -2.73 -13.58 7.55
C ILE A 23 -1.32 -13.07 7.90
N TRP A 24 -1.15 -12.35 9.02
CA TRP A 24 0.17 -11.75 9.35
C TRP A 24 1.19 -12.85 9.65
N PRO A 25 0.92 -13.82 10.56
CA PRO A 25 1.85 -14.93 10.77
C PRO A 25 2.32 -15.64 9.49
N THR A 26 1.44 -15.76 8.49
CA THR A 26 1.76 -16.36 7.16
C THR A 26 2.77 -15.47 6.42
N VAL A 27 2.55 -14.14 6.40
CA VAL A 27 3.44 -13.17 5.71
C VAL A 27 4.79 -13.13 6.43
N GLU A 28 4.78 -13.10 7.76
CA GLU A 28 6.02 -13.07 8.59
C GLU A 28 6.88 -14.30 8.25
N GLU A 29 6.26 -15.44 7.93
CA GLU A 29 6.95 -16.72 7.62
C GLU A 29 7.42 -16.73 6.16
N HIS A 30 6.51 -16.53 5.21
CA HIS A 30 6.73 -16.79 3.76
C HIS A 30 7.09 -15.50 3.00
N GLY A 31 6.82 -14.32 3.57
CA GLY A 31 7.12 -13.01 2.96
C GLY A 31 6.00 -12.53 2.04
N ALA A 32 4.99 -13.36 1.79
CA ALA A 32 3.83 -13.06 0.92
C ALA A 32 2.63 -13.91 1.32
N ALA A 33 1.42 -13.39 1.11
CA ALA A 33 0.13 -14.11 1.22
C ALA A 33 -0.91 -13.39 0.35
N ILE A 34 -1.78 -14.15 -0.31
CA ILE A 34 -2.92 -13.61 -1.11
C ILE A 34 -4.18 -13.64 -0.24
N ILE A 35 -4.76 -12.46 0.02
CA ILE A 35 -6.01 -12.29 0.82
C ILE A 35 -7.19 -12.28 -0.15
N GLU A 36 -7.98 -13.35 -0.16
CA GLU A 36 -9.17 -13.50 -1.05
C GLU A 36 -10.29 -12.60 -0.52
N SER A 37 -10.87 -11.77 -1.40
CA SER A 37 -12.01 -10.85 -1.12
C SER A 37 -11.62 -9.84 -0.03
N PHE A 38 -10.42 -9.26 -0.15
CA PHE A 38 -9.93 -8.17 0.74
C PHE A 38 -10.90 -6.98 0.63
N LEU A 39 -11.29 -6.64 -0.59
CA LEU A 39 -12.38 -5.66 -0.90
C LEU A 39 -13.51 -6.39 -1.63
N SER A 40 -14.76 -6.03 -1.35
CA SER A 40 -15.98 -6.48 -2.08
C SER A 40 -15.96 -5.89 -3.49
N LEU A 41 -16.68 -6.52 -4.44
CA LEU A 41 -16.74 -6.09 -5.86
C LEU A 41 -17.44 -4.72 -5.96
N ASP A 42 -18.34 -4.40 -5.03
CA ASP A 42 -19.03 -3.08 -4.94
C ASP A 42 -17.96 -1.99 -4.76
N ILE A 43 -17.12 -2.12 -3.73
CA ILE A 43 -16.03 -1.15 -3.38
C ILE A 43 -15.07 -1.03 -4.57
N VAL A 44 -14.71 -2.16 -5.20
CA VAL A 44 -13.78 -2.22 -6.37
C VAL A 44 -14.38 -1.40 -7.53
N ARG A 45 -15.67 -1.57 -7.79
CA ARG A 45 -16.38 -0.89 -8.93
C ARG A 45 -16.47 0.61 -8.66
N ARG A 46 -16.84 1.00 -7.44
CA ARG A 46 -16.99 2.42 -7.02
C ARG A 46 -15.61 3.11 -7.06
N LEU A 47 -14.55 2.40 -6.67
CA LEU A 47 -13.16 2.92 -6.68
C LEU A 47 -12.72 3.17 -8.14
N ASN A 48 -12.90 2.17 -9.01
CA ASN A 48 -12.55 2.25 -10.46
C ASN A 48 -13.26 3.45 -11.11
N GLU A 49 -14.54 3.65 -10.78
CA GLU A 49 -15.39 4.73 -11.36
C GLU A 49 -14.86 6.10 -10.96
N GLU A 50 -14.54 6.29 -9.68
CA GLU A 50 -14.16 7.60 -9.08
C GLU A 50 -12.75 8.02 -9.56
N VAL A 51 -11.86 7.06 -9.85
CA VAL A 51 -10.44 7.33 -10.22
C VAL A 51 -10.25 7.37 -11.75
N ASP A 52 -11.17 6.74 -12.51
CA ASP A 52 -11.07 6.59 -13.99
C ASP A 52 -10.53 7.86 -14.63
N PRO A 53 -11.21 9.02 -14.50
CA PRO A 53 -10.79 10.24 -15.21
C PRO A 53 -9.38 10.74 -14.83
N PHE A 54 -8.97 10.53 -13.57
CA PHE A 54 -7.66 10.99 -13.03
C PHE A 54 -6.52 10.16 -13.63
N VAL A 55 -6.77 8.88 -13.93
CA VAL A 55 -5.82 7.97 -14.65
C VAL A 55 -5.61 8.51 -16.07
N LYS A 56 -6.69 8.90 -16.74
CA LYS A 56 -6.70 9.31 -18.18
C LYS A 56 -5.87 10.58 -18.38
N ILE A 57 -5.89 11.53 -17.43
CA ILE A 57 -5.24 12.87 -17.56
C ILE A 57 -3.80 12.83 -17.02
N GLU A 58 -3.45 11.84 -16.18
CA GLU A 58 -2.13 11.75 -15.50
C GLU A 58 -1.04 11.73 -16.56
N PRO A 59 -0.02 12.63 -16.48
CA PRO A 59 1.14 12.57 -17.37
C PRO A 59 2.03 11.35 -17.10
N ILE A 60 3.07 11.17 -17.92
CA ILE A 60 4.11 10.11 -17.74
C ILE A 60 4.79 10.33 -16.39
N PRO A 61 5.23 9.24 -15.71
CA PRO A 61 5.84 9.37 -14.37
C PRO A 61 6.97 10.40 -14.25
N ALA A 62 7.77 10.58 -15.32
CA ALA A 62 8.95 11.48 -15.36
C ALA A 62 8.67 12.71 -16.22
N ALA A 63 7.41 13.17 -16.28
CA ALA A 63 6.99 14.36 -17.05
C ALA A 63 7.79 15.59 -16.58
N LYS A 64 8.23 16.42 -17.53
CA LYS A 64 9.06 17.62 -17.26
C LYS A 64 8.23 18.69 -16.53
N THR A 65 6.90 18.53 -16.54
CA THR A 65 5.93 19.40 -15.81
C THR A 65 6.03 19.19 -14.30
N LYS A 66 6.55 18.04 -13.84
CA LYS A 66 6.64 17.64 -12.41
C LYS A 66 7.99 18.10 -11.83
N ASP A 67 8.00 18.51 -10.55
CA ASP A 67 9.23 18.90 -9.80
C ASP A 67 9.69 17.72 -8.92
N HIS A 68 8.88 16.65 -8.82
CA HIS A 68 9.27 15.34 -8.23
C HIS A 68 9.00 14.24 -9.26
N PRO A 69 9.72 14.21 -10.41
CA PRO A 69 9.57 13.14 -11.38
C PRO A 69 9.97 11.77 -10.82
N ASN A 70 9.22 10.73 -11.23
CA ASN A 70 9.53 9.30 -10.97
C ASN A 70 10.24 8.74 -12.22
N HIS A 71 11.57 8.57 -12.16
CA HIS A 71 12.43 8.17 -13.30
C HIS A 71 12.54 6.65 -13.41
N ILE A 72 11.81 5.89 -12.57
CA ILE A 72 11.95 4.41 -12.43
C ILE A 72 10.79 3.71 -13.14
N LEU A 73 9.55 4.17 -12.93
CA LEU A 73 8.33 3.57 -13.56
C LEU A 73 8.41 3.74 -15.08
N SER A 74 7.98 2.73 -15.84
CA SER A 74 7.94 2.73 -17.32
C SER A 74 6.99 3.83 -17.80
N THR A 75 7.22 4.35 -19.01
CA THR A 75 6.45 5.47 -19.62
C THR A 75 5.01 5.04 -19.93
N THR A 76 4.77 3.72 -20.04
CA THR A 76 3.43 3.10 -20.21
C THR A 76 2.86 2.67 -18.85
N THR A 77 3.21 3.41 -17.78
CA THR A 77 2.61 3.28 -16.43
C THR A 77 2.03 4.64 -16.03
N ARG A 78 0.83 4.64 -15.45
CA ARG A 78 0.21 5.84 -14.82
C ARG A 78 -0.03 5.54 -13.34
N LEU A 79 0.39 6.45 -12.46
CA LEU A 79 0.25 6.35 -11.00
C LEU A 79 -0.47 7.59 -10.48
N VAL A 80 -1.51 7.40 -9.69
CA VAL A 80 -2.32 8.51 -9.10
C VAL A 80 -2.42 8.32 -7.59
N ASN A 81 -1.81 9.21 -6.81
CA ASN A 81 -1.88 9.10 -5.33
C ASN A 81 -2.78 10.19 -4.75
N VAL A 82 -2.78 10.35 -3.43
CA VAL A 82 -3.69 11.32 -2.72
C VAL A 82 -5.12 11.04 -3.21
N LEU A 83 -5.64 9.87 -2.85
CA LEU A 83 -6.96 9.36 -3.29
C LEU A 83 -8.10 9.87 -2.41
N ALA A 84 -7.80 10.31 -1.19
CA ALA A 84 -8.83 10.73 -0.22
C ALA A 84 -9.80 11.73 -0.84
N PRO A 85 -9.34 12.83 -1.47
CA PRO A 85 -10.25 13.81 -2.06
C PRO A 85 -10.94 13.40 -3.36
N ILE A 86 -10.45 12.34 -4.04
CA ILE A 86 -11.02 11.84 -5.33
C ILE A 86 -12.16 10.85 -5.05
N SER A 87 -11.92 9.89 -4.14
CA SER A 87 -12.71 8.64 -3.99
C SER A 87 -13.33 8.54 -2.59
N LYS A 88 -14.67 8.56 -2.51
CA LYS A 88 -15.44 8.31 -1.27
C LYS A 88 -15.22 6.86 -0.82
N ALA A 89 -15.17 5.93 -1.77
CA ALA A 89 -14.95 4.48 -1.52
C ALA A 89 -13.62 4.28 -0.77
N TYR A 90 -12.54 4.96 -1.19
CA TYR A 90 -11.20 4.88 -0.56
C TYR A 90 -11.27 5.44 0.86
N ARG A 91 -11.72 6.69 1.01
CA ARG A 91 -11.61 7.47 2.27
C ARG A 91 -12.52 6.89 3.36
N GLU A 92 -13.60 6.21 2.98
CA GLU A 92 -14.62 5.68 3.93
C GLU A 92 -14.44 4.17 4.11
N ASP A 93 -14.46 3.39 3.02
CA ASP A 93 -14.49 1.90 3.07
C ASP A 93 -13.07 1.34 3.28
N VAL A 94 -12.10 1.76 2.45
CA VAL A 94 -10.73 1.17 2.45
C VAL A 94 -9.98 1.59 3.73
N LEU A 95 -10.08 2.86 4.13
CA LEU A 95 -9.34 3.42 5.30
C LEU A 95 -9.87 2.81 6.61
N ASN A 96 -11.10 2.27 6.63
CA ASN A 96 -11.74 1.71 7.85
C ASN A 96 -11.93 0.19 7.71
N SER A 97 -11.21 -0.45 6.78
CA SER A 97 -11.22 -1.92 6.56
C SER A 97 -10.77 -2.63 7.85
N LYS A 98 -11.65 -3.44 8.45
CA LYS A 98 -11.38 -4.18 9.72
C LYS A 98 -10.25 -5.19 9.47
N VAL A 99 -10.12 -5.71 8.24
CA VAL A 99 -9.07 -6.69 7.85
C VAL A 99 -7.72 -5.99 7.84
N LEU A 100 -7.62 -4.83 7.18
CA LEU A 100 -6.37 -4.05 7.06
C LEU A 100 -5.83 -3.71 8.47
N HIS A 101 -6.72 -3.29 9.38
CA HIS A 101 -6.35 -2.77 10.73
C HIS A 101 -5.92 -3.91 11.66
N ARG A 102 -6.53 -5.09 11.54
CA ARG A 102 -6.12 -6.29 12.33
C ARG A 102 -4.72 -6.71 11.90
N ILE A 103 -4.45 -6.76 10.58
CA ILE A 103 -3.15 -7.16 10.00
C ILE A 103 -2.06 -6.14 10.41
N CYS A 104 -2.36 -4.85 10.34
CA CYS A 104 -1.40 -3.75 10.61
C CYS A 104 -1.03 -3.72 12.09
N SER A 105 -2.01 -3.88 13.00
CA SER A 105 -1.80 -3.92 14.47
C SER A 105 -1.04 -5.20 14.86
N ASP A 106 -1.30 -6.31 14.18
CA ASP A 106 -0.54 -7.58 14.34
C ASP A 106 0.93 -7.34 13.94
N ALA A 107 1.16 -6.65 12.82
CA ALA A 107 2.50 -6.46 12.21
C ALA A 107 3.32 -5.41 12.98
N PHE A 108 2.69 -4.36 13.50
CA PHE A 108 3.38 -3.12 13.96
C PHE A 108 3.22 -2.87 15.47
N HIS A 109 2.77 -3.85 16.26
CA HIS A 109 2.54 -3.68 17.72
C HIS A 109 3.86 -3.37 18.44
N VAL A 110 4.99 -3.92 17.97
CA VAL A 110 6.33 -3.73 18.59
C VAL A 110 6.78 -2.27 18.43
N TYR A 111 6.32 -1.57 17.39
CA TYR A 111 6.72 -0.18 17.05
C TYR A 111 5.71 0.85 17.58
N GLY A 112 4.41 0.58 17.43
CA GLY A 112 3.30 1.47 17.86
C GLY A 112 2.34 1.77 16.73
N ASP A 113 1.79 2.99 16.69
CA ASP A 113 0.80 3.44 15.67
C ASP A 113 1.38 3.30 14.26
N TYR A 114 0.50 3.14 13.28
CA TYR A 114 0.81 3.04 11.83
C TYR A 114 -0.10 4.01 11.05
N TRP A 115 0.31 4.38 9.85
CA TRP A 115 -0.48 5.23 8.92
C TRP A 115 -0.14 4.87 7.46
N VAL A 116 -0.78 5.55 6.50
CA VAL A 116 -0.58 5.32 5.04
C VAL A 116 0.68 6.06 4.60
N LEU A 117 1.69 5.32 4.12
CA LEU A 117 2.91 5.91 3.49
C LEU A 117 2.56 6.29 2.04
N MET A 118 1.77 5.48 1.34
CA MET A 118 1.16 5.83 0.03
C MET A 118 0.00 4.89 -0.30
N GLY A 119 -1.15 5.47 -0.64
CA GLY A 119 -2.28 4.80 -1.31
C GLY A 119 -2.42 5.30 -2.74
N ALA A 120 -2.10 4.46 -3.74
CA ALA A 120 -2.05 4.84 -5.16
C ALA A 120 -2.74 3.79 -6.03
N VAL A 121 -3.42 4.25 -7.08
CA VAL A 121 -3.89 3.41 -8.23
C VAL A 121 -2.80 3.44 -9.29
N MET A 122 -2.27 2.27 -9.66
CA MET A 122 -1.33 2.08 -10.79
C MET A 122 -2.07 1.36 -11.93
N GLU A 123 -2.04 1.95 -13.14
CA GLU A 123 -2.57 1.32 -14.38
C GLU A 123 -1.38 1.08 -15.32
N LEU A 124 -1.26 -0.14 -15.84
CA LEU A 124 -0.14 -0.56 -16.72
C LEU A 124 -0.72 -0.96 -18.08
N ALA A 125 -0.31 -0.24 -19.13
CA ALA A 125 -0.87 -0.31 -20.50
C ALA A 125 -0.52 -1.66 -21.13
N PRO A 126 -1.18 -2.03 -22.25
CA PRO A 126 -0.81 -3.23 -23.01
C PRO A 126 0.69 -3.25 -23.39
N SER A 127 1.31 -4.44 -23.31
CA SER A 127 2.72 -4.71 -23.69
C SER A 127 3.70 -4.02 -22.73
N ASN A 128 3.25 -3.69 -21.51
CA ASN A 128 4.11 -3.14 -20.43
C ASN A 128 5.14 -4.19 -20.04
N PRO A 129 6.45 -3.89 -20.07
CA PRO A 129 7.47 -4.86 -19.70
C PRO A 129 7.48 -5.18 -18.19
N ALA A 130 8.04 -6.34 -17.82
CA ALA A 130 8.24 -6.75 -16.42
C ALA A 130 9.20 -5.76 -15.75
N GLN A 131 8.91 -5.38 -14.50
CA GLN A 131 9.80 -4.53 -13.67
C GLN A 131 11.02 -5.35 -13.26
N PRO A 132 12.17 -4.72 -12.97
CA PRO A 132 13.28 -5.41 -12.34
C PRO A 132 12.90 -5.91 -10.94
N LEU A 133 13.38 -7.09 -10.54
CA LEU A 133 13.20 -7.66 -9.19
C LEU A 133 13.79 -6.67 -8.17
N HIS A 134 13.00 -6.28 -7.15
CA HIS A 134 13.35 -5.20 -6.21
C HIS A 134 12.67 -5.38 -4.86
N ARG A 135 13.19 -4.68 -3.85
CA ARG A 135 12.51 -4.37 -2.56
C ARG A 135 12.00 -2.93 -2.64
N ASP A 136 10.82 -2.66 -2.05
CA ASP A 136 10.21 -1.31 -2.01
C ASP A 136 10.99 -0.44 -1.01
N MET A 137 10.81 0.88 -1.09
CA MET A 137 11.23 1.90 -0.10
C MET A 137 12.67 2.37 -0.32
N ARG A 138 13.36 1.91 -1.37
CA ARG A 138 14.81 2.19 -1.60
C ARG A 138 15.01 3.53 -2.31
N PHE A 139 13.96 4.14 -2.87
CA PHE A 139 14.02 5.42 -3.61
C PHE A 139 13.40 6.56 -2.79
N SER A 140 13.05 6.31 -1.52
CA SER A 140 12.37 7.27 -0.62
C SER A 140 12.92 7.21 0.81
N HIS A 141 13.23 6.02 1.33
CA HIS A 141 13.64 5.79 2.74
C HIS A 141 14.95 5.00 2.79
N PRO A 142 16.09 5.58 2.36
CA PRO A 142 17.40 4.96 2.54
C PRO A 142 17.68 4.45 3.97
N ILE A 143 17.05 5.03 5.00
CA ILE A 143 17.23 4.61 6.42
C ILE A 143 16.94 3.12 6.58
N VAL A 144 15.96 2.56 5.86
CA VAL A 144 15.52 1.13 6.04
C VAL A 144 16.69 0.21 5.67
N GLU A 145 17.63 0.66 4.83
CA GLU A 145 18.83 -0.12 4.43
C GLU A 145 19.81 -0.26 5.62
N TYR A 146 19.65 0.54 6.68
CA TYR A 146 20.55 0.58 7.86
C TYR A 146 19.96 -0.18 9.06
N LEU A 147 18.73 -0.68 8.94
CA LEU A 147 18.08 -1.55 9.97
C LEU A 147 18.85 -2.87 10.05
N LYS A 148 18.95 -3.44 11.25
CA LYS A 148 19.53 -4.80 11.48
C LYS A 148 18.77 -5.81 10.62
N PRO A 149 19.45 -6.87 10.10
CA PRO A 149 18.81 -7.85 9.23
C PRO A 149 17.50 -8.45 9.78
N ASP A 150 17.43 -8.67 11.10
CA ASP A 150 16.32 -9.39 11.77
C ASP A 150 15.34 -8.39 12.42
N ALA A 151 15.41 -7.11 12.05
CA ALA A 151 14.49 -6.04 12.52
C ALA A 151 13.09 -6.31 11.97
N PRO A 152 12.02 -6.22 12.81
CA PRO A 152 10.66 -6.39 12.30
C PRO A 152 10.33 -5.36 11.20
N ALA A 153 9.60 -5.80 10.17
CA ALA A 153 9.17 -4.97 9.02
C ALA A 153 8.55 -3.65 9.53
N THR A 154 9.01 -2.52 8.98
CA THR A 154 8.55 -1.15 9.33
C THR A 154 7.48 -0.68 8.34
N SER A 155 7.34 -1.35 7.20
CA SER A 155 6.25 -1.11 6.21
C SER A 155 5.84 -2.42 5.53
N ILE A 156 4.59 -2.50 5.10
CA ILE A 156 4.00 -3.64 4.33
C ILE A 156 3.18 -3.04 3.18
N ASN A 157 3.01 -3.81 2.10
CA ASN A 157 2.36 -3.34 0.84
C ASN A 157 1.21 -4.30 0.48
N PHE A 158 -0.03 -3.80 0.55
CA PHE A 158 -1.25 -4.46 0.01
C PHE A 158 -1.36 -4.10 -1.47
N LEU A 159 -1.11 -5.06 -2.36
CA LEU A 159 -1.32 -4.92 -3.83
C LEU A 159 -2.71 -5.49 -4.16
N VAL A 160 -3.72 -4.62 -4.19
CA VAL A 160 -5.15 -4.97 -4.38
C VAL A 160 -5.45 -4.95 -5.89
N ALA A 161 -5.96 -6.07 -6.42
CA ALA A 161 -6.35 -6.23 -7.84
C ALA A 161 -7.63 -5.43 -8.10
N LEU A 162 -7.58 -4.44 -8.99
CA LEU A 162 -8.76 -3.66 -9.48
C LEU A 162 -9.20 -4.21 -10.84
N SER A 163 -8.40 -5.11 -11.42
CA SER A 163 -8.71 -5.91 -12.64
C SER A 163 -8.06 -7.29 -12.48
N PRO A 164 -8.41 -8.30 -13.32
CA PRO A 164 -7.83 -9.63 -13.18
C PRO A 164 -6.30 -9.64 -13.30
N PHE A 165 -5.62 -10.37 -12.41
CA PHE A 165 -4.17 -10.69 -12.47
C PHE A 165 -4.01 -12.12 -13.01
N THR A 166 -3.40 -12.26 -14.18
CA THR A 166 -3.12 -13.56 -14.86
C THR A 166 -1.64 -13.62 -15.25
N ALA A 167 -1.11 -14.82 -15.50
CA ALA A 167 0.27 -15.04 -15.99
C ALA A 167 0.49 -14.26 -17.30
N GLU A 168 -0.56 -14.10 -18.10
CA GLU A 168 -0.50 -13.51 -19.47
C GLU A 168 -0.47 -11.98 -19.39
N ASN A 169 -1.24 -11.38 -18.46
CA ASN A 169 -1.46 -9.90 -18.39
C ASN A 169 -0.50 -9.24 -17.40
N GLY A 170 0.45 -9.99 -16.81
CA GLY A 170 1.59 -9.45 -16.04
C GLY A 170 1.37 -9.47 -14.54
N ALA A 171 0.72 -10.51 -14.01
CA ALA A 171 0.54 -10.76 -12.55
C ALA A 171 1.90 -10.65 -11.86
N THR A 172 1.92 -10.06 -10.66
CA THR A 172 3.12 -9.85 -9.80
C THR A 172 3.90 -11.16 -9.64
N HIS A 173 5.24 -11.09 -9.74
CA HIS A 173 6.19 -12.15 -9.31
C HIS A 173 6.66 -11.84 -7.88
N VAL A 174 6.75 -12.86 -7.02
CA VAL A 174 7.41 -12.78 -5.68
C VAL A 174 8.36 -13.96 -5.53
N ILE A 175 9.42 -13.79 -4.75
CA ILE A 175 10.33 -14.89 -4.28
C ILE A 175 9.98 -15.17 -2.81
N LEU A 176 9.38 -16.33 -2.53
CA LEU A 176 8.98 -16.75 -1.16
C LEU A 176 10.25 -16.93 -0.33
N GLY A 177 10.25 -16.40 0.91
CA GLY A 177 11.38 -16.48 1.86
C GLY A 177 12.40 -15.37 1.66
N SER A 178 12.26 -14.56 0.59
CA SER A 178 13.26 -13.56 0.15
C SER A 178 13.34 -12.39 1.13
N HIS A 179 12.31 -12.18 1.96
CA HIS A 179 12.27 -11.13 3.01
C HIS A 179 13.31 -11.40 4.10
N LYS A 180 13.87 -12.62 4.17
CA LYS A 180 14.89 -13.04 5.17
C LYS A 180 16.28 -13.21 4.51
N TRP A 181 16.39 -12.96 3.21
CA TRP A 181 17.67 -13.09 2.44
C TRP A 181 18.59 -11.91 2.74
N GLN A 182 19.84 -12.19 3.12
CA GLN A 182 20.94 -11.19 3.20
C GLN A 182 21.80 -11.30 1.94
N ASN A 183 22.19 -12.53 1.57
CA ASN A 183 22.88 -12.84 0.28
C ASN A 183 21.83 -12.83 -0.84
N LEU A 184 22.02 -11.97 -1.85
CA LEU A 184 21.05 -11.75 -2.96
C LEU A 184 21.58 -12.35 -4.27
N SER A 185 22.48 -13.35 -4.21
CA SER A 185 23.15 -13.95 -5.38
C SER A 185 22.30 -15.07 -6.00
N ASN A 186 21.20 -15.45 -5.35
CA ASN A 186 20.21 -16.45 -5.86
C ASN A 186 18.98 -15.72 -6.43
N VAL A 187 19.04 -14.39 -6.56
CA VAL A 187 17.93 -13.57 -7.13
C VAL A 187 17.90 -13.78 -8.64
N SER A 188 16.77 -14.29 -9.14
CA SER A 188 16.51 -14.62 -10.57
C SER A 188 14.99 -14.74 -10.75
N MET A 189 14.49 -14.49 -11.96
CA MET A 189 13.06 -14.72 -12.31
C MET A 189 12.75 -16.22 -12.20
N ASP A 190 13.78 -17.07 -12.24
CA ASP A 190 13.66 -18.55 -12.08
C ASP A 190 13.18 -18.92 -10.67
N ALA A 191 13.42 -18.06 -9.66
CA ALA A 191 13.10 -18.32 -8.23
C ALA A 191 11.68 -17.86 -7.87
N THR A 192 10.95 -17.24 -8.80
CA THR A 192 9.67 -16.55 -8.51
C THR A 192 8.46 -17.48 -8.71
N VAL A 193 7.34 -17.11 -8.08
CA VAL A 193 5.97 -17.63 -8.34
C VAL A 193 5.04 -16.43 -8.56
N ARG A 194 3.85 -16.65 -9.12
CA ARG A 194 2.94 -15.57 -9.60
C ARG A 194 1.78 -15.38 -8.62
N ALA A 195 1.31 -14.14 -8.48
CA ALA A 195 0.12 -13.76 -7.68
C ALA A 195 -1.10 -13.66 -8.62
N LEU A 196 -1.73 -14.80 -8.92
CA LEU A 196 -2.96 -14.90 -9.74
C LEU A 196 -4.15 -14.49 -8.85
N MET A 197 -4.91 -13.48 -9.26
CA MET A 197 -5.92 -12.83 -8.38
C MET A 197 -7.12 -12.35 -9.21
N ASN A 198 -8.31 -12.40 -8.61
CA ASN A 198 -9.55 -11.76 -9.11
C ASN A 198 -9.63 -10.36 -8.53
N PRO A 199 -10.41 -9.43 -9.13
CA PRO A 199 -10.57 -8.08 -8.57
C PRO A 199 -11.09 -8.14 -7.13
N GLY A 200 -10.42 -7.45 -6.21
CA GLY A 200 -10.77 -7.41 -4.77
C GLY A 200 -9.84 -8.26 -3.93
N ASP A 201 -9.17 -9.24 -4.53
CA ASP A 201 -8.06 -10.01 -3.90
C ASP A 201 -6.87 -9.05 -3.73
N ALA A 202 -6.05 -9.28 -2.69
CA ALA A 202 -4.85 -8.47 -2.39
C ALA A 202 -3.64 -9.40 -2.16
N LEU A 203 -2.51 -9.08 -2.77
CA LEU A 203 -1.18 -9.66 -2.44
C LEU A 203 -0.54 -8.79 -1.35
N LEU A 204 -0.25 -9.37 -0.18
CA LEU A 204 0.40 -8.66 0.95
C LEU A 204 1.87 -9.10 1.02
N ILE A 205 2.78 -8.14 0.90
CA ILE A 205 4.26 -8.35 1.00
C ILE A 205 4.82 -7.39 2.06
N THR A 206 6.05 -7.63 2.51
CA THR A 206 6.81 -6.74 3.42
C THR A 206 7.74 -5.88 2.58
N ASP A 207 8.42 -4.92 3.21
CA ASP A 207 9.40 -4.01 2.56
C ASP A 207 10.67 -4.77 2.17
N SER A 208 10.83 -6.02 2.61
CA SER A 208 12.02 -6.87 2.34
C SER A 208 11.71 -7.95 1.29
N THR A 209 10.44 -8.21 0.98
CA THR A 209 10.02 -9.22 -0.03
C THR A 209 10.50 -8.78 -1.42
N ILE A 210 11.30 -9.60 -2.09
CA ILE A 210 11.80 -9.35 -3.47
C ILE A 210 10.70 -9.76 -4.44
N HIS A 211 10.32 -8.84 -5.33
CA HIS A 211 9.14 -8.96 -6.23
C HIS A 211 9.30 -8.05 -7.44
N CYS A 212 8.40 -8.17 -8.41
CA CYS A 212 8.32 -7.30 -9.62
C CYS A 212 6.98 -7.51 -10.33
N GLY A 213 6.45 -6.44 -10.93
CA GLY A 213 5.35 -6.51 -11.91
C GLY A 213 5.74 -7.41 -13.07
N GLY A 214 4.81 -8.25 -13.54
CA GLY A 214 5.05 -9.19 -14.66
C GLY A 214 4.97 -8.49 -15.99
N ALA A 215 5.41 -9.15 -17.07
CA ALA A 215 5.35 -8.65 -18.46
C ALA A 215 3.95 -8.88 -19.02
N GLU A 216 3.32 -7.84 -19.55
CA GLU A 216 2.03 -7.92 -20.29
C GLU A 216 2.33 -8.48 -21.68
N THR A 217 1.83 -9.69 -21.99
CA THR A 217 2.19 -10.45 -23.23
C THR A 217 1.00 -10.58 -24.19
N THR A 218 -0.22 -10.20 -23.78
CA THR A 218 -1.46 -10.30 -24.61
C THR A 218 -1.47 -9.17 -25.63
N GLY A 219 -0.89 -8.01 -25.30
CA GLY A 219 -0.81 -6.82 -26.17
C GLY A 219 -2.12 -6.07 -26.26
N THR A 220 -3.14 -6.47 -25.48
CA THR A 220 -4.50 -5.87 -25.48
C THR A 220 -5.01 -5.56 -24.07
N GLU A 221 -4.58 -6.33 -23.05
CA GLU A 221 -5.11 -6.23 -21.66
C GLU A 221 -4.45 -5.06 -20.92
N THR A 222 -5.27 -4.20 -20.33
CA THR A 222 -4.86 -3.16 -19.34
C THR A 222 -5.04 -3.73 -17.93
N ARG A 223 -3.98 -3.71 -17.12
CA ARG A 223 -3.97 -4.21 -15.72
C ARG A 223 -3.95 -3.00 -14.78
N ARG A 224 -4.80 -3.01 -13.75
CA ARG A 224 -4.93 -1.91 -12.76
C ARG A 224 -4.92 -2.49 -11.34
N LEU A 225 -4.29 -1.79 -10.41
CA LEU A 225 -4.14 -2.22 -8.99
C LEU A 225 -4.19 -1.00 -8.06
N LEU A 226 -4.64 -1.22 -6.82
CA LEU A 226 -4.55 -0.24 -5.71
C LEU A 226 -3.44 -0.70 -4.76
N THR A 227 -2.31 0.02 -4.73
CA THR A 227 -1.15 -0.28 -3.87
C THR A 227 -1.25 0.59 -2.61
N ILE A 228 -1.46 -0.03 -1.45
CA ILE A 228 -1.53 0.65 -0.13
C ILE A 228 -0.28 0.22 0.67
N THR A 229 0.73 1.09 0.73
CA THR A 229 1.89 0.95 1.64
C THR A 229 1.49 1.46 3.03
N MET A 230 1.36 0.56 3.99
CA MET A 230 1.12 0.87 5.43
C MET A 230 2.48 0.80 6.15
N GLY A 231 2.79 1.83 6.95
CA GLY A 231 4.07 1.93 7.67
C GLY A 231 3.89 2.48 9.06
N ILE A 232 4.87 2.25 9.94
CA ILE A 232 4.88 2.79 11.33
C ILE A 232 4.86 4.32 11.23
N SER A 233 4.15 4.98 12.15
CA SER A 233 3.93 6.46 12.16
C SER A 233 5.25 7.20 12.38
N GLN A 234 6.34 6.48 12.67
CA GLN A 234 7.71 7.04 12.86
C GLN A 234 8.37 7.34 11.50
N LEU A 235 7.86 6.76 10.40
CA LEU A 235 8.38 6.99 9.02
C LEU A 235 7.47 7.98 8.28
N THR A 236 8.07 8.89 7.51
CA THR A 236 7.37 9.97 6.75
C THR A 236 6.70 9.36 5.52
N PRO A 237 5.40 9.65 5.27
CA PRO A 237 4.74 9.18 4.05
C PRO A 237 5.35 9.74 2.75
N LEU A 238 5.23 8.99 1.66
CA LEU A 238 5.68 9.41 0.31
C LEU A 238 4.75 10.50 -0.22
N GLU A 239 3.49 10.52 0.24
CA GLU A 239 2.42 11.47 -0.21
C GLU A 239 1.98 12.35 0.97
N SER A 240 1.44 13.54 0.68
CA SER A 240 0.93 14.52 1.66
C SER A 240 -0.59 14.68 1.49
N ASN A 241 -1.32 14.83 2.61
CA ASN A 241 -2.76 15.17 2.64
C ASN A 241 -2.94 16.59 3.20
N LEU A 242 -1.87 17.39 3.24
CA LEU A 242 -1.87 18.77 3.80
C LEU A 242 -2.87 19.64 3.04
N ALA A 243 -3.03 19.42 1.74
CA ALA A 243 -3.84 20.25 0.82
C ALA A 243 -5.26 19.68 0.65
N VAL A 244 -5.58 18.52 1.27
CA VAL A 244 -6.95 17.94 1.25
C VAL A 244 -7.87 18.93 1.98
N PRO A 245 -8.96 19.41 1.35
CA PRO A 245 -9.88 20.36 1.98
C PRO A 245 -10.37 19.86 3.35
N ARG A 246 -10.54 20.76 4.32
CA ARG A 246 -10.83 20.40 5.73
C ARG A 246 -12.23 19.80 5.87
N PRO A 247 -13.25 20.25 5.09
CA PRO A 247 -14.55 19.59 5.12
C PRO A 247 -14.51 18.09 4.79
N VAL A 248 -13.64 17.68 3.86
CA VAL A 248 -13.43 16.25 3.48
C VAL A 248 -12.85 15.49 4.68
N ILE A 249 -11.81 16.05 5.31
CA ILE A 249 -11.12 15.43 6.49
C ILE A 249 -12.15 15.22 7.61
N GLU A 250 -13.03 16.19 7.83
CA GLU A 250 -14.00 16.22 8.97
C GLU A 250 -15.18 15.29 8.68
N SER A 251 -15.28 14.72 7.48
CA SER A 251 -16.30 13.70 7.09
C SER A 251 -15.78 12.28 7.38
N LEU A 252 -14.51 12.15 7.77
CA LEU A 252 -13.85 10.83 8.03
C LEU A 252 -14.04 10.41 9.49
N THR A 253 -13.80 9.14 9.79
CA THR A 253 -13.70 8.57 11.16
C THR A 253 -12.40 9.06 11.79
N PRO A 254 -12.29 9.09 13.15
CA PRO A 254 -11.03 9.43 13.81
C PRO A 254 -9.85 8.57 13.31
N LEU A 255 -10.10 7.27 13.07
CA LEU A 255 -9.06 6.30 12.62
C LEU A 255 -8.52 6.69 11.24
N ALA A 256 -9.42 6.98 10.30
CA ALA A 256 -9.08 7.40 8.91
C ALA A 256 -8.26 8.69 8.94
N GLN A 257 -8.62 9.65 9.80
CA GLN A 257 -7.92 10.96 9.97
C GLN A 257 -6.46 10.72 10.38
N ARG A 258 -6.23 9.77 11.30
CA ARG A 258 -4.87 9.42 11.80
C ARG A 258 -4.03 8.82 10.67
N LEU A 259 -4.64 7.96 9.84
CA LEU A 259 -3.96 7.28 8.70
C LEU A 259 -3.51 8.32 7.64
N LEU A 260 -4.18 9.46 7.55
CA LEU A 260 -3.86 10.55 6.58
C LEU A 260 -2.93 11.59 7.21
N GLY A 261 -2.56 11.44 8.48
CA GLY A 261 -1.63 12.34 9.19
C GLY A 261 -2.33 13.56 9.78
N TRP A 262 -3.66 13.50 9.91
CA TRP A 262 -4.51 14.57 10.51
C TRP A 262 -4.85 14.23 11.96
N ALA A 263 -3.87 13.68 12.69
CA ALA A 263 -3.96 13.36 14.13
C ALA A 263 -2.55 13.08 14.66
N SER A 264 -2.36 13.27 15.97
CA SER A 264 -1.12 12.87 16.69
C SER A 264 -1.01 11.34 16.67
N GLN A 265 0.22 10.82 16.79
CA GLN A 265 0.53 9.37 16.74
C GLN A 265 1.25 8.98 18.03
N ARG A 266 1.25 7.69 18.37
CA ARG A 266 1.90 7.14 19.59
C ARG A 266 2.86 6.01 19.19
N SER A 267 4.01 5.94 19.86
CA SER A 267 4.95 4.78 19.81
C SER A 267 4.55 3.76 20.88
N ALA A 268 5.19 2.59 20.86
CA ALA A 268 4.91 1.45 21.77
C ALA A 268 5.80 1.52 23.02
N ALA A 269 6.66 2.54 23.13
CA ALA A 269 7.51 2.79 24.32
C ALA A 269 6.63 2.90 25.56
N PRO A 270 6.90 2.11 26.63
CA PRO A 270 6.07 2.11 27.85
C PRO A 270 5.56 3.48 28.34
N ARG A 271 6.40 4.51 28.29
CA ARG A 271 6.04 5.91 28.68
C ARG A 271 6.21 6.82 27.45
N ASP A 272 5.64 6.39 26.32
CA ASP A 272 5.60 7.13 25.03
C ASP A 272 5.27 8.61 25.27
N ILE A 273 5.98 9.52 24.60
CA ILE A 273 5.73 10.99 24.66
C ILE A 273 5.04 11.45 23.36
N GLY A 274 4.98 10.58 22.35
CA GLY A 274 4.10 10.74 21.17
C GLY A 274 4.78 11.46 20.01
N LEU A 275 4.10 11.49 18.86
CA LEU A 275 4.55 12.13 17.60
C LEU A 275 3.49 13.13 17.13
N LEU A 276 3.93 14.23 16.50
CA LEU A 276 3.07 15.32 15.96
C LEU A 276 2.11 15.83 17.04
N THR A 277 2.65 16.14 18.23
CA THR A 277 1.89 16.69 19.39
C THR A 277 2.11 18.20 19.46
N ILE A 278 1.28 18.90 20.24
CA ILE A 278 1.33 20.38 20.41
C ILE A 278 1.27 20.70 21.91
N ARG A 279 2.44 20.89 22.54
CA ARG A 279 2.61 21.25 23.98
C ARG A 279 1.83 20.27 24.85
N GLY A 280 1.98 18.97 24.58
CA GLY A 280 1.42 17.87 25.40
C GLY A 280 0.00 17.49 24.98
N ASN A 281 -0.57 18.16 23.97
CA ASN A 281 -1.93 17.89 23.46
C ASN A 281 -1.85 17.43 22.00
N SER A 282 -2.89 16.74 21.52
CA SER A 282 -2.98 16.16 20.16
C SER A 282 -3.39 17.24 19.16
N ILE A 283 -3.11 16.99 17.88
CA ILE A 283 -3.59 17.81 16.71
C ILE A 283 -5.11 17.98 16.82
N GLU A 284 -5.84 16.88 17.04
CA GLU A 284 -7.33 16.82 16.97
C GLU A 284 -7.94 17.65 18.11
N LYS A 285 -7.39 17.56 19.33
CA LYS A 285 -7.85 18.35 20.50
C LYS A 285 -7.55 19.84 20.25
N THR A 286 -6.32 20.15 19.83
CA THR A 286 -5.82 21.53 19.59
C THR A 286 -6.72 22.24 18.58
N MET A 287 -6.87 21.68 17.37
CA MET A 287 -7.59 22.29 16.23
C MET A 287 -9.11 22.11 16.39
N ASN A 288 -9.55 21.36 17.41
CA ASN A 288 -10.97 21.00 17.65
C ASN A 288 -11.52 20.33 16.38
N LEU A 289 -10.80 19.31 15.89
CA LEU A 289 -11.07 18.62 14.60
C LEU A 289 -12.31 17.74 14.75
N LYS A 290 -13.37 18.04 13.98
CA LYS A 290 -14.63 17.27 13.94
C LYS A 290 -14.39 15.96 13.17
N ALA A 291 -15.21 14.93 13.46
CA ALA A 291 -15.14 13.59 12.81
C ALA A 291 -16.55 13.15 12.41
N GLU A 292 -16.66 12.47 11.26
CA GLU A 292 -17.90 11.84 10.75
C GLU A 292 -18.99 12.91 10.55
N GLN A 293 -18.59 14.09 10.05
CA GLN A 293 -19.51 15.20 9.67
C GLN A 293 -19.87 15.05 8.19
N PRO A 294 -21.05 14.49 7.85
CA PRO A 294 -21.39 14.25 6.44
C PRO A 294 -21.41 15.55 5.62
N LEU A 295 -20.98 15.47 4.36
CA LEU A 295 -20.97 16.60 3.39
C LEU A 295 -22.38 16.80 2.84
NI NI B . 7.47 -2.95 -5.69
C4 CO0 C . 7.71 3.24 -7.06
C7 CO0 C . 9.18 1.72 -6.23
C8 CO0 C . 9.71 0.55 -6.64
C10 CO0 C . 11.20 -0.53 -8.24
C13 CO0 C . 9.54 0.01 -10.35
C15 CO0 C . 9.02 1.94 -4.81
C20 CO0 C . 4.41 2.01 -4.74
O16 CO0 C . 9.93 1.65 -4.11
N17 CO0 C . 7.94 2.44 -4.28
C18 CO0 C . 6.75 2.42 -4.90
C3 CO0 C . 6.59 2.78 -6.21
C19 CO0 C . 5.66 2.04 -4.17
C1 CO0 C . 4.26 2.38 -6.07
C2 CO0 C . 5.35 2.78 -6.78
N6 CO0 C . 8.91 2.72 -7.08
C23 CO0 C . 9.94 3.26 -7.91
O5 CO0 C . 7.44 4.16 -7.74
C9 CO0 C . 10.01 0.14 -8.02
C14 CO0 C . 9.19 0.41 -9.07
C12 CO0 C . 10.72 -0.65 -10.56
C11 CO0 C . 11.55 -0.93 -9.49
BR BR D . 2.48 -5.49 -9.76
CL CL E . 6.40 0.20 -14.23
C1 GOL F . 14.83 0.13 -12.41
O1 GOL F . 15.55 -0.16 -13.61
C2 GOL F . 15.57 -0.35 -11.18
O2 GOL F . 16.71 0.47 -10.96
C3 GOL F . 14.72 -0.37 -9.93
O3 GOL F . 15.19 -1.29 -8.96
C1 GOL G . 5.44 -2.21 -7.93
O1 GOL G . 6.00 -3.46 -7.55
C2 GOL G . 5.56 -1.19 -6.83
O2 GOL G . 6.93 -0.99 -6.52
C3 GOL G . 4.80 -1.58 -5.58
O3 GOL G . 5.43 -2.66 -4.90
#